data_5ALL
#
_entry.id   5ALL
#
_cell.length_a   92.870
_cell.length_b   92.870
_cell.length_c   243.904
_cell.angle_alpha   90.00
_cell.angle_beta   90.00
_cell.angle_gamma   120.00
#
_symmetry.space_group_name_H-M   'P 65 2 2'
#
loop_
_entity.id
_entity.type
_entity.pdbx_description
1 polymer 'SOLUBLE EPOXIDE HYDROLASE'
2 non-polymer 'SULFATE ION'
3 non-polymer 'DIMETHYL SULFOXIDE'
4 non-polymer [(1R,3S,5R)-3-(aminomethyl)-5-methyl-cyclohexyl]methanol
5 water water
#
_entity_poly.entity_id   1
_entity_poly.type   'polypeptide(L)'
_entity_poly.pdbx_seq_one_letter_code
;GMTLRAAVFDLDGVLALPAVFGVLGRTEEALALPRGLLNDAFQKGGPEGATTRLMKGEITLSQWIPLMEENCRKCSETAK
VCLPKNFSIKEIFDKAISARKINRPMLQAALMLRKKGFTTAILTNTWLDDRAERDGLAQLMCELKMHFDFLIESCQVGMV
KPEPQIYKFLLDTLKASPSEVVFLDDIGANLKPARDLGMVTILVQDTDTALKELEKVTGIQLLNTPAPLPTSCNPSDMSH
GYVTVKPRVRLHFVELGSGPAVCLCHGFPESWYSWRYQIPALAQAGYRVLAMDMKGYGESSAPPEIEEYCMEVLCKEMVT
FLDKLGLSQAVFIGHDWGGMLVWYMALFYPERVRAVASLNTPFIPANPNMSPLESIKANPVFDYQLYFQEPGVAEAELEQ
NLSRTFKSLFRASDESVLSMHKVCEAGGLFVNSPEEPSLSRMVTEEEIQFYVQQFKKSGFRGPLNWYRNMERNWKWACKS
LGRKILIPALMVTAEKDFVLVPQMSQHMEDWIPHLKRGHIEDCGHWTQMDKPTEVNQILIKWLDSDARN
;
_entity_poly.pdbx_strand_id   A
#
loop_
_chem_comp.id
_chem_comp.type
_chem_comp.name
_chem_comp.formula
DMS non-polymer 'DIMETHYL SULFOXIDE' 'C2 H6 O S'
II6 non-polymer [(1R,3S,5R)-3-(aminomethyl)-5-methyl-cyclohexyl]methanol 'C9 H19 N O'
SO4 non-polymer 'SULFATE ION' 'O4 S -2'
#
# COMPACT_ATOMS: atom_id res chain seq x y z
N THR A 3 -2.26 18.67 28.96
CA THR A 3 -2.44 17.35 28.34
C THR A 3 -2.32 17.45 26.82
N LEU A 4 -1.32 16.73 26.28
CA LEU A 4 -1.03 16.72 24.85
C LEU A 4 -2.05 15.94 24.04
N ARG A 5 -2.36 16.47 22.85
CA ARG A 5 -3.26 15.85 21.88
C ARG A 5 -2.86 16.13 20.41
N ALA A 6 -1.76 16.89 20.20
CA ALA A 6 -1.25 17.21 18.87
C ALA A 6 0.26 17.20 18.79
N ALA A 7 0.79 16.67 17.66
CA ALA A 7 2.22 16.61 17.40
C ALA A 7 2.50 17.18 16.02
N VAL A 8 3.45 18.11 15.98
CA VAL A 8 3.85 18.85 14.79
C VAL A 8 5.31 18.53 14.49
N PHE A 9 5.61 18.24 13.23
CA PHE A 9 6.97 17.91 12.82
C PHE A 9 7.41 18.77 11.67
N ASP A 10 8.69 19.13 11.68
CA ASP A 10 9.29 19.84 10.57
C ASP A 10 9.59 18.77 9.50
N LEU A 11 9.84 19.18 8.26
CA LEU A 11 10.16 18.23 7.21
C LEU A 11 11.68 18.03 7.17
N ASP A 12 12.43 19.06 6.77
CA ASP A 12 13.90 18.99 6.68
C ASP A 12 14.55 18.80 8.05
N GLY A 13 15.44 17.82 8.12
CA GLY A 13 16.13 17.46 9.35
C GLY A 13 15.29 16.76 10.41
N VAL A 14 13.98 16.54 10.13
CA VAL A 14 13.07 15.90 11.09
C VAL A 14 12.35 14.68 10.47
N LEU A 15 11.43 14.87 9.50
CA LEU A 15 10.72 13.75 8.84
C LEU A 15 11.47 13.23 7.62
N ALA A 16 12.43 14.02 7.14
CA ALA A 16 13.26 13.72 5.98
C ALA A 16 14.73 13.98 6.28
N LEU A 17 15.61 13.06 5.87
CA LEU A 17 17.06 13.11 6.10
C LEU A 17 17.86 12.60 4.90
N PRO A 18 19.10 13.10 4.66
CA PRO A 18 19.79 14.20 5.37
C PRO A 18 19.19 15.56 5.03
N ALA A 19 19.29 16.53 5.97
CA ALA A 19 18.79 17.89 5.80
C ALA A 19 19.42 18.56 4.57
N VAL A 20 18.59 19.27 3.77
CA VAL A 20 18.99 19.93 2.53
C VAL A 20 20.00 21.06 2.74
N PHE A 21 19.79 21.95 3.74
CA PHE A 21 20.72 23.05 4.05
C PHE A 21 22.09 22.58 4.55
N GLY A 22 22.14 21.36 5.13
CA GLY A 22 23.37 20.74 5.61
C GLY A 22 24.35 20.46 4.49
N VAL A 23 23.82 20.38 3.25
CA VAL A 23 24.58 20.15 2.02
C VAL A 23 25.38 21.40 1.61
N LEU A 24 24.91 22.62 2.00
CA LEU A 24 25.65 23.86 1.74
C LEU A 24 27.04 23.77 2.40
N GLY A 25 27.07 23.20 3.61
CA GLY A 25 28.29 22.97 4.39
C GLY A 25 29.16 21.88 3.79
N ARG A 26 28.52 20.75 3.40
CA ARG A 26 29.17 19.59 2.76
C ARG A 26 29.90 20.03 1.49
N THR A 27 29.18 20.76 0.61
CA THR A 27 29.69 21.27 -0.67
C THR A 27 30.87 22.23 -0.50
N GLU A 28 30.82 23.15 0.48
CA GLU A 28 31.95 24.05 0.72
C GLU A 28 33.16 23.33 1.32
N GLU A 29 32.92 22.30 2.16
CA GLU A 29 33.98 21.48 2.76
C GLU A 29 34.65 20.61 1.68
N ALA A 30 33.83 20.05 0.76
CA ALA A 30 34.30 19.23 -0.36
C ALA A 30 35.03 20.09 -1.40
N LEU A 31 34.52 21.31 -1.66
CA LEU A 31 35.12 22.23 -2.63
C LEU A 31 36.19 23.15 -2.03
N ALA A 32 36.57 22.90 -0.75
CA ALA A 32 37.57 23.67 0.02
C ALA A 32 37.33 25.20 -0.05
N LEU A 33 36.05 25.60 0.07
CA LEU A 33 35.62 26.99 0.06
C LEU A 33 35.59 27.52 1.50
N PRO A 34 35.73 28.86 1.72
CA PRO A 34 35.70 29.40 3.10
C PRO A 34 34.48 28.99 3.92
N ARG A 35 34.70 28.74 5.21
CA ARG A 35 33.66 28.34 6.16
C ARG A 35 32.78 29.53 6.55
N GLY A 36 30.26 28.00 5.74
CA GLY A 36 29.38 29.15 5.96
C GLY A 36 29.29 30.13 4.80
N LEU A 37 30.22 30.06 3.81
CA LEU A 37 30.24 30.93 2.62
C LEU A 37 28.93 30.74 1.82
N LEU A 38 28.59 29.47 1.52
CA LEU A 38 27.39 29.09 0.78
C LEU A 38 26.14 29.30 1.64
N ASN A 39 26.26 29.01 2.96
CA ASN A 39 25.15 29.17 3.93
C ASN A 39 24.80 30.65 4.15
N ASP A 40 25.78 31.56 4.02
CA ASP A 40 25.55 32.99 4.16
C ASP A 40 24.89 33.53 2.90
N ALA A 41 25.27 32.98 1.72
CA ALA A 41 24.69 33.32 0.43
C ALA A 41 23.20 32.93 0.40
N PHE A 42 22.87 31.78 1.01
CA PHE A 42 21.51 31.27 1.16
C PHE A 42 20.69 32.20 2.07
N GLN A 43 21.32 32.70 3.15
CA GLN A 43 20.73 33.57 4.17
C GLN A 43 20.69 35.08 3.79
N LYS A 44 21.39 35.49 2.71
CA LYS A 44 21.51 36.88 2.23
C LYS A 44 20.20 37.70 2.20
N GLY A 45 20.18 38.79 2.97
CA GLY A 45 19.04 39.70 3.07
C GLY A 45 18.05 39.38 4.17
N GLY A 46 18.21 38.22 4.80
CA GLY A 46 17.35 37.74 5.87
C GLY A 46 15.87 37.76 5.53
N PRO A 47 15.05 38.58 6.23
CA PRO A 47 13.61 38.64 5.94
C PRO A 47 13.22 39.32 4.62
N GLU A 48 14.16 40.06 4.02
CA GLU A 48 13.94 40.80 2.76
C GLU A 48 14.59 40.10 1.55
N GLY A 49 15.46 39.13 1.82
CA GLY A 49 16.21 38.40 0.80
C GLY A 49 15.45 37.39 -0.03
N ALA A 50 16.08 36.95 -1.14
CA ALA A 50 15.57 36.00 -2.11
C ALA A 50 15.02 34.71 -1.50
N THR A 51 15.72 34.14 -0.49
CA THR A 51 15.30 32.92 0.18
C THR A 51 13.95 33.06 0.90
N THR A 52 13.71 34.22 1.57
CA THR A 52 12.41 34.46 2.24
C THR A 52 11.28 34.60 1.21
N ARG A 53 11.55 35.29 0.08
CA ARG A 53 10.61 35.47 -1.03
C ARG A 53 10.22 34.10 -1.60
N LEU A 54 11.23 33.22 -1.74
CA LEU A 54 11.06 31.85 -2.19
C LEU A 54 10.20 31.05 -1.20
N MET A 55 10.59 31.05 0.08
CA MET A 55 9.89 30.33 1.14
C MET A 55 8.45 30.83 1.38
N LYS A 56 8.15 32.11 1.09
CA LYS A 56 6.81 32.68 1.23
C LYS A 56 5.96 32.45 -0.02
N GLY A 57 6.58 31.94 -1.09
CA GLY A 57 5.92 31.63 -2.35
C GLY A 57 5.80 32.79 -3.32
N GLU A 58 6.56 33.87 -3.09
CA GLU A 58 6.55 35.05 -3.97
C GLU A 58 7.16 34.71 -5.31
N ILE A 59 8.16 33.81 -5.29
CA ILE A 59 8.91 33.35 -6.46
C ILE A 59 9.06 31.83 -6.42
N THR A 60 9.35 31.21 -7.57
CA THR A 60 9.57 29.76 -7.66
C THR A 60 11.05 29.42 -7.49
N LEU A 61 11.37 28.12 -7.22
CA LEU A 61 12.73 27.62 -7.07
C LEU A 61 13.63 27.95 -8.27
N SER A 62 13.10 27.84 -9.52
CA SER A 62 13.86 28.15 -10.74
C SER A 62 14.14 29.65 -10.90
N GLN A 63 13.29 30.51 -10.31
CA GLN A 63 13.53 31.95 -10.33
C GLN A 63 14.58 32.30 -9.25
N TRP A 64 14.60 31.49 -8.17
CA TRP A 64 15.50 31.68 -7.03
C TRP A 64 16.94 31.29 -7.34
N ILE A 65 17.14 30.18 -8.10
CA ILE A 65 18.46 29.65 -8.49
C ILE A 65 19.45 30.76 -8.93
N PRO A 66 19.15 31.60 -9.96
CA PRO A 66 20.10 32.65 -10.35
C PRO A 66 20.34 33.73 -9.29
N LEU A 67 19.34 33.99 -8.41
CA LEU A 67 19.48 34.98 -7.34
C LEU A 67 20.44 34.46 -6.25
N MET A 68 20.42 33.13 -5.99
CA MET A 68 21.33 32.47 -5.05
C MET A 68 22.75 32.56 -5.64
N GLU A 69 22.86 32.39 -6.98
CA GLU A 69 24.12 32.46 -7.72
C GLU A 69 24.74 33.85 -7.64
N GLU A 70 23.91 34.92 -7.78
CA GLU A 70 24.38 36.30 -7.69
C GLU A 70 24.92 36.59 -6.29
N ASN A 71 24.20 36.18 -5.22
CA ASN A 71 24.68 36.41 -3.87
C ASN A 71 25.74 35.42 -3.36
N CYS A 72 26.10 34.41 -4.19
CA CYS A 72 27.16 33.43 -3.92
C CYS A 72 28.50 34.10 -4.25
N ARG A 73 28.48 34.98 -5.28
CA ARG A 73 29.61 35.79 -5.73
C ARG A 73 29.90 36.86 -4.68
N LYS A 74 28.85 37.64 -4.31
CA LYS A 74 28.88 38.74 -3.33
C LYS A 74 29.49 38.29 -2.00
N CYS A 75 29.20 37.04 -1.61
CA CYS A 75 29.74 36.43 -0.39
C CYS A 75 31.22 36.10 -0.57
N SER A 76 31.62 35.63 -1.78
CA SER A 76 33.02 35.29 -2.11
C SER A 76 33.87 36.55 -2.40
N GLU A 77 33.22 37.65 -2.84
CA GLU A 77 33.83 38.95 -3.14
C GLU A 77 34.48 39.55 -1.89
N THR A 78 33.70 39.57 -0.79
CA THR A 78 34.10 40.08 0.53
C THR A 78 35.10 39.15 1.21
N ALA A 79 34.90 37.81 1.05
CA ALA A 79 35.76 36.78 1.61
C ALA A 79 37.10 36.68 0.83
N LYS A 80 37.26 37.52 -0.22
CA LYS A 80 38.44 37.63 -1.10
C LYS A 80 38.86 36.28 -1.72
N VAL A 81 37.87 35.55 -2.25
CA VAL A 81 38.01 34.24 -2.90
C VAL A 81 37.23 34.20 -4.23
N CYS A 82 37.24 33.03 -4.92
CA CYS A 82 36.54 32.83 -6.19
C CYS A 82 36.09 31.39 -6.39
N LEU A 83 34.80 31.20 -6.72
CA LEU A 83 34.16 29.91 -6.95
C LEU A 83 34.66 29.28 -8.27
N PRO A 84 34.75 27.93 -8.39
CA PRO A 84 35.25 27.32 -9.64
C PRO A 84 34.35 27.48 -10.87
N LYS A 85 34.82 26.98 -12.04
CA LYS A 85 34.12 27.02 -13.34
C LYS A 85 33.01 25.97 -13.49
N ASN A 86 33.07 24.89 -12.68
CA ASN A 86 32.11 23.77 -12.68
C ASN A 86 30.90 24.06 -11.77
N PHE A 87 31.08 24.93 -10.75
CA PHE A 87 30.12 25.34 -9.73
C PHE A 87 28.68 25.60 -10.23
N SER A 88 27.71 24.77 -9.75
CA SER A 88 26.29 24.88 -10.11
C SER A 88 25.36 24.65 -8.92
N ILE A 89 24.57 25.69 -8.60
CA ILE A 89 23.58 25.69 -7.52
C ILE A 89 22.48 24.67 -7.85
N LYS A 90 22.05 24.64 -9.12
CA LYS A 90 21.03 23.69 -9.63
C LYS A 90 21.49 22.27 -9.32
N GLU A 91 22.74 21.92 -9.70
CA GLU A 91 23.35 20.61 -9.46
C GLU A 91 23.41 20.27 -7.97
N ILE A 92 23.83 21.24 -7.14
CA ILE A 92 23.94 21.08 -5.68
C ILE A 92 22.58 20.76 -5.06
N PHE A 93 21.53 21.52 -5.42
CA PHE A 93 20.20 21.29 -4.89
C PHE A 93 19.51 20.06 -5.46
N ASP A 94 19.73 19.75 -6.76
CA ASP A 94 19.20 18.55 -7.42
C ASP A 94 19.65 17.32 -6.65
N LYS A 95 20.98 17.22 -6.38
CA LYS A 95 21.63 16.13 -5.65
C LYS A 95 21.16 16.06 -4.19
N ALA A 96 21.09 17.22 -3.50
CA ALA A 96 20.66 17.32 -2.09
C ALA A 96 19.22 16.84 -1.90
N ILE A 97 18.28 17.30 -2.76
CA ILE A 97 16.85 16.94 -2.73
C ILE A 97 16.68 15.45 -3.03
N SER A 98 17.41 14.93 -4.03
CA SER A 98 17.39 13.53 -4.45
C SER A 98 17.88 12.61 -3.33
N ALA A 99 18.93 13.04 -2.59
CA ALA A 99 19.50 12.26 -1.49
C ALA A 99 18.59 12.21 -0.27
N ARG A 100 17.78 13.27 -0.06
CA ARG A 100 16.88 13.39 1.08
C ARG A 100 15.73 12.39 1.02
N LYS A 101 15.71 11.47 1.98
CA LYS A 101 14.72 10.40 2.11
C LYS A 101 13.99 10.51 3.42
N ILE A 102 12.84 9.83 3.53
CA ILE A 102 12.01 9.80 4.73
C ILE A 102 12.77 9.18 5.89
N ASN A 103 12.64 9.82 7.06
CA ASN A 103 13.22 9.38 8.32
C ASN A 103 12.18 8.42 8.91
N ARG A 104 12.24 7.14 8.50
CA ARG A 104 11.29 6.08 8.89
C ARG A 104 10.95 5.98 10.38
N PRO A 105 11.91 5.96 11.35
CA PRO A 105 11.51 5.91 12.77
C PRO A 105 10.72 7.16 13.21
N MET A 106 10.98 8.32 12.60
CA MET A 106 10.25 9.55 12.90
C MET A 106 8.81 9.42 12.41
N LEU A 107 8.61 8.96 11.14
CA LEU A 107 7.27 8.71 10.57
C LEU A 107 6.51 7.69 11.41
N GLN A 108 7.18 6.60 11.85
CA GLN A 108 6.57 5.55 12.68
C GLN A 108 6.06 6.13 13.99
N ALA A 109 6.84 7.03 14.62
CA ALA A 109 6.43 7.70 15.87
C ALA A 109 5.17 8.54 15.62
N ALA A 110 5.15 9.32 14.53
CA ALA A 110 3.99 10.12 14.14
C ALA A 110 2.77 9.23 13.89
N LEU A 111 2.99 8.06 13.26
CA LEU A 111 1.92 7.08 13.02
C LEU A 111 1.36 6.52 14.31
N MET A 112 2.24 6.12 15.24
CA MET A 112 1.82 5.60 16.55
C MET A 112 1.02 6.66 17.33
N LEU A 113 1.48 7.92 17.33
CA LEU A 113 0.78 9.03 18.01
C LEU A 113 -0.62 9.22 17.43
N ARG A 114 -0.74 9.21 16.08
CA ARG A 114 -2.03 9.35 15.39
C ARG A 114 -2.96 8.17 15.68
N LYS A 115 -2.39 6.96 15.86
CA LYS A 115 -3.11 5.73 16.19
C LYS A 115 -3.68 5.84 17.61
N LYS A 116 -2.94 6.50 18.53
CA LYS A 116 -3.34 6.70 19.93
C LYS A 116 -4.32 7.89 20.12
N GLY A 117 -4.74 8.52 19.02
CA GLY A 117 -5.70 9.62 19.06
C GLY A 117 -5.18 11.02 18.81
N PHE A 118 -3.87 11.18 18.58
CA PHE A 118 -3.27 12.48 18.34
C PHE A 118 -3.64 13.07 16.97
N THR A 119 -3.67 14.40 16.90
CA THR A 119 -3.84 15.14 15.66
C THR A 119 -2.40 15.40 15.27
N THR A 120 -2.02 15.09 14.04
CA THR A 120 -0.64 15.27 13.60
C THR A 120 -0.55 16.22 12.43
N ALA A 121 0.57 16.93 12.32
CA ALA A 121 0.77 17.88 11.23
C ALA A 121 2.21 18.05 10.86
N ILE A 122 2.46 18.40 9.59
CA ILE A 122 3.78 18.74 9.08
C ILE A 122 3.72 20.25 8.90
N LEU A 123 4.64 20.98 9.54
CA LEU A 123 4.73 22.42 9.38
C LEU A 123 6.12 22.62 8.81
N THR A 124 6.20 23.13 7.58
CA THR A 124 7.47 23.26 6.90
C THR A 124 7.66 24.53 6.09
N ASN A 125 8.92 25.01 6.07
CA ASN A 125 9.38 26.11 5.27
C ASN A 125 9.86 25.48 4.00
N THR A 126 9.07 25.63 2.93
CA THR A 126 9.39 25.04 1.63
C THR A 126 9.11 26.02 0.49
N TRP A 127 9.41 25.59 -0.74
CA TRP A 127 9.33 26.38 -1.95
C TRP A 127 8.37 25.76 -2.99
N LEU A 128 8.12 26.51 -4.09
CA LEU A 128 7.33 26.06 -5.23
C LEU A 128 8.34 25.52 -6.23
N ASP A 129 8.41 24.19 -6.32
CA ASP A 129 9.37 23.46 -7.13
C ASP A 129 8.91 23.26 -8.57
N ASP A 130 9.56 23.98 -9.49
CA ASP A 130 9.29 23.93 -10.93
C ASP A 130 10.50 23.42 -11.71
N ARG A 131 11.44 22.75 -11.02
CA ARG A 131 12.63 22.14 -11.64
C ARG A 131 12.15 20.99 -12.51
N ALA A 132 12.93 20.61 -13.52
CA ALA A 132 12.59 19.48 -14.38
C ALA A 132 12.55 18.17 -13.55
N GLU A 133 13.27 18.13 -12.41
CA GLU A 133 13.38 16.98 -11.51
C GLU A 133 12.41 17.04 -10.30
N ARG A 134 11.45 18.01 -10.31
CA ARG A 134 10.46 18.24 -9.25
C ARG A 134 9.65 17.01 -8.79
N ASP A 135 9.40 16.03 -9.69
CA ASP A 135 8.63 14.83 -9.37
C ASP A 135 9.15 14.01 -8.19
N GLY A 136 10.48 13.96 -8.03
CA GLY A 136 11.10 13.25 -6.91
C GLY A 136 10.57 13.72 -5.56
N LEU A 137 10.58 15.04 -5.35
CA LEU A 137 10.05 15.68 -4.15
C LEU A 137 8.52 15.55 -4.08
N ALA A 138 7.82 15.63 -5.24
CA ALA A 138 6.35 15.51 -5.30
C ALA A 138 5.96 14.15 -4.70
N GLN A 139 6.65 13.07 -5.12
CA GLN A 139 6.47 11.68 -4.63
C GLN A 139 6.71 11.58 -3.10
N LEU A 140 7.79 12.21 -2.60
CA LEU A 140 8.15 12.19 -1.18
C LEU A 140 7.06 12.86 -0.36
N MET A 141 6.63 14.06 -0.78
CA MET A 141 5.56 14.80 -0.11
C MET A 141 4.28 14.00 -0.11
N CYS A 142 3.98 13.31 -1.23
CA CYS A 142 2.81 12.46 -1.37
C CYS A 142 2.84 11.31 -0.41
N GLU A 143 3.95 10.56 -0.37
CA GLU A 143 4.11 9.44 0.56
C GLU A 143 3.99 9.95 2.01
N LEU A 144 4.65 11.08 2.34
CA LEU A 144 4.60 11.65 3.69
C LEU A 144 3.24 12.16 4.14
N LYS A 145 2.65 13.14 3.40
CA LYS A 145 1.38 13.81 3.74
C LYS A 145 0.24 12.91 4.13
N MET A 146 0.11 11.74 3.46
CA MET A 146 -0.94 10.74 3.67
C MET A 146 -1.14 10.30 5.09
N HIS A 147 -0.06 10.31 5.86
CA HIS A 147 -0.02 9.85 7.24
C HIS A 147 -0.34 10.94 8.26
N PHE A 148 -0.59 12.17 7.81
CA PHE A 148 -0.85 13.32 8.68
C PHE A 148 -2.19 13.99 8.44
N ASP A 149 -2.76 14.60 9.50
CA ASP A 149 -4.04 15.31 9.41
C ASP A 149 -3.90 16.61 8.63
N PHE A 150 -2.71 17.24 8.71
CA PHE A 150 -2.44 18.51 8.02
C PHE A 150 -1.01 18.64 7.53
N LEU A 151 -0.85 19.35 6.40
CA LEU A 151 0.43 19.73 5.82
C LEU A 151 0.34 21.24 5.62
N ILE A 152 1.20 21.99 6.32
CA ILE A 152 1.26 23.44 6.25
C ILE A 152 2.59 23.80 5.62
N GLU A 153 2.53 24.39 4.43
CA GLU A 153 3.71 24.77 3.66
C GLU A 153 3.83 26.27 3.62
N SER A 154 5.00 26.79 4.02
CA SER A 154 5.29 28.22 4.03
C SER A 154 4.89 28.91 2.71
N CYS A 155 5.32 28.35 1.56
CA CYS A 155 5.07 28.87 0.22
C CYS A 155 3.58 28.88 -0.20
N GLN A 156 2.74 28.13 0.52
CA GLN A 156 1.32 28.08 0.23
C GLN A 156 0.56 29.09 1.09
N VAL A 157 0.96 29.23 2.37
CA VAL A 157 0.34 30.14 3.33
C VAL A 157 0.92 31.57 3.33
N GLY A 158 2.00 31.79 2.57
CA GLY A 158 2.66 33.08 2.44
C GLY A 158 3.29 33.60 3.72
N MET A 159 3.47 32.70 4.70
CA MET A 159 4.03 32.94 6.03
C MET A 159 5.25 32.06 6.19
N VAL A 160 6.15 32.37 7.13
CA VAL A 160 7.39 31.62 7.27
C VAL A 160 7.84 31.46 8.73
N LYS A 161 8.61 30.39 9.02
CA LYS A 161 9.21 30.20 10.34
C LYS A 161 10.51 31.01 10.29
N PRO A 162 10.84 31.86 11.29
CA PRO A 162 10.24 32.00 12.62
C PRO A 162 9.16 33.06 12.89
N GLU A 163 8.50 33.63 11.86
CA GLU A 163 7.45 34.65 12.06
C GLU A 163 6.32 34.12 12.96
N PRO A 164 5.86 34.86 13.99
CA PRO A 164 4.87 34.30 14.92
C PRO A 164 3.45 34.04 14.38
N GLN A 165 3.14 34.59 13.19
CA GLN A 165 1.85 34.43 12.51
C GLN A 165 1.61 33.00 12.04
N ILE A 166 2.67 32.31 11.54
CA ILE A 166 2.57 30.92 11.09
C ILE A 166 2.20 29.99 12.26
N TYR A 167 2.70 30.32 13.47
CA TYR A 167 2.43 29.57 14.71
C TYR A 167 0.98 29.72 15.14
N LYS A 168 0.42 30.95 15.03
CA LYS A 168 -0.99 31.22 15.34
C LYS A 168 -1.87 30.55 14.29
N PHE A 169 -1.39 30.51 13.01
CA PHE A 169 -2.07 29.81 11.92
C PHE A 169 -2.11 28.30 12.24
N LEU A 170 -0.98 27.75 12.73
CA LEU A 170 -0.87 26.33 13.13
C LEU A 170 -1.88 25.96 14.22
N LEU A 171 -1.95 26.76 15.33
CA LEU A 171 -2.89 26.53 16.43
C LEU A 171 -4.34 26.57 15.93
N ASP A 172 -4.62 27.55 15.03
CA ASP A 172 -5.94 27.73 14.42
C ASP A 172 -6.31 26.51 13.58
N THR A 173 -5.34 25.99 12.79
CA THR A 173 -5.53 24.79 11.95
C THR A 173 -5.77 23.58 12.83
N LEU A 174 -4.98 23.42 13.91
CA LEU A 174 -5.10 22.32 14.86
C LEU A 174 -6.34 22.38 15.74
N LYS A 175 -6.94 23.60 15.91
CA LYS A 175 -8.11 23.84 16.78
C LYS A 175 -7.75 23.41 18.23
N ALA A 176 -6.53 23.78 18.66
CA ALA A 176 -5.98 23.41 19.96
C ALA A 176 -5.13 24.51 20.56
N SER A 177 -5.09 24.59 21.90
CA SER A 177 -4.29 25.57 22.64
C SER A 177 -2.83 25.13 22.64
N PRO A 178 -1.85 26.07 22.74
CA PRO A 178 -0.41 25.66 22.71
C PRO A 178 0.05 24.61 23.71
N SER A 179 -0.64 24.49 24.86
CA SER A 179 -0.31 23.53 25.91
C SER A 179 -0.59 22.07 25.48
N GLU A 180 -1.56 21.87 24.56
CA GLU A 180 -1.97 20.57 24.02
C GLU A 180 -1.05 20.09 22.86
N VAL A 181 -0.03 20.89 22.47
CA VAL A 181 0.81 20.62 21.31
C VAL A 181 2.31 20.42 21.56
N VAL A 182 2.88 19.35 20.91
CA VAL A 182 4.31 19.04 20.87
C VAL A 182 4.78 19.50 19.49
N PHE A 183 5.92 20.18 19.44
CA PHE A 183 6.46 20.70 18.20
C PHE A 183 7.91 20.25 18.10
N LEU A 184 8.27 19.60 16.99
CA LEU A 184 9.63 19.09 16.76
C LEU A 184 10.29 19.80 15.61
N ASP A 185 11.50 20.31 15.84
CA ASP A 185 12.26 21.06 14.83
C ASP A 185 13.75 20.85 15.03
N ASP A 186 14.53 20.96 13.95
CA ASP A 186 15.98 20.82 14.01
C ASP A 186 16.66 22.19 14.12
N ILE A 187 15.85 23.27 14.02
CA ILE A 187 16.32 24.66 14.10
C ILE A 187 15.79 25.32 15.37
N GLY A 188 16.73 25.68 16.25
CA GLY A 188 16.44 26.32 17.53
C GLY A 188 15.65 27.60 17.39
N ALA A 189 16.03 28.44 16.41
CA ALA A 189 15.37 29.70 16.08
C ALA A 189 13.89 29.48 15.70
N ASN A 190 13.59 28.39 14.96
CA ASN A 190 12.22 28.06 14.56
C ASN A 190 11.42 27.42 15.67
N LEU A 191 12.12 26.87 16.67
CA LEU A 191 11.51 26.24 17.84
C LEU A 191 11.05 27.30 18.86
N LYS A 192 11.86 28.38 19.03
CA LYS A 192 11.62 29.51 19.95
C LYS A 192 10.20 30.10 20.01
N PRO A 193 9.53 30.49 18.87
CA PRO A 193 8.18 31.08 19.01
C PRO A 193 7.13 30.09 19.48
N ALA A 194 7.28 28.79 19.14
CA ALA A 194 6.36 27.74 19.56
C ALA A 194 6.45 27.64 21.08
N ARG A 195 7.68 27.59 21.62
CA ARG A 195 7.91 27.54 23.07
C ARG A 195 7.39 28.81 23.75
N ASP A 196 7.58 29.99 23.11
CA ASP A 196 7.09 31.31 23.55
C ASP A 196 5.58 31.32 23.82
N LEU A 197 4.80 30.51 23.07
CA LEU A 197 3.35 30.39 23.24
C LEU A 197 2.96 29.33 24.29
N GLY A 198 3.96 28.55 24.74
CA GLY A 198 3.75 27.50 25.74
C GLY A 198 3.62 26.10 25.18
N MET A 199 4.19 25.88 23.98
CA MET A 199 4.17 24.58 23.32
C MET A 199 5.34 23.78 23.80
N VAL A 200 5.13 22.46 23.96
CA VAL A 200 6.19 21.53 24.29
C VAL A 200 7.05 21.48 23.03
N THR A 201 8.34 21.69 23.20
CA THR A 201 9.25 21.77 22.07
C THR A 201 10.40 20.80 22.20
N ILE A 202 10.73 20.14 21.09
CA ILE A 202 11.83 19.21 21.03
C ILE A 202 12.79 19.67 19.94
N LEU A 203 14.06 19.89 20.33
CA LEU A 203 15.08 20.21 19.35
C LEU A 203 15.58 18.86 18.89
N VAL A 204 15.55 18.66 17.57
CA VAL A 204 15.91 17.40 16.94
C VAL A 204 17.30 17.47 16.34
N GLN A 205 18.24 16.70 16.92
CA GLN A 205 19.59 16.55 16.39
C GLN A 205 19.56 15.12 15.88
N ASP A 206 19.89 14.13 16.72
CA ASP A 206 19.78 12.72 16.34
C ASP A 206 18.33 12.29 16.64
N THR A 207 17.78 11.38 15.82
CA THR A 207 16.41 10.86 15.94
C THR A 207 16.08 10.21 17.29
N ASP A 208 16.90 9.23 17.73
CA ASP A 208 16.69 8.47 18.97
C ASP A 208 16.45 9.32 20.19
N THR A 209 17.31 10.34 20.42
CA THR A 209 17.20 11.27 21.56
C THR A 209 15.88 12.03 21.45
N ALA A 210 15.58 12.56 20.24
CA ALA A 210 14.33 13.28 19.97
C ALA A 210 13.13 12.41 20.29
N LEU A 211 13.17 11.12 19.89
CA LEU A 211 12.10 10.17 20.18
C LEU A 211 12.00 9.81 21.65
N LYS A 212 13.15 9.76 22.37
CA LYS A 212 13.16 9.51 23.83
C LYS A 212 12.46 10.68 24.51
N GLU A 213 12.78 11.92 24.08
CA GLU A 213 12.14 13.14 24.56
C GLU A 213 10.65 13.09 24.22
N LEU A 214 10.31 12.68 22.97
CA LEU A 214 8.92 12.56 22.51
C LEU A 214 8.12 11.59 23.36
N GLU A 215 8.68 10.41 23.67
CA GLU A 215 7.96 9.42 24.48
C GLU A 215 7.81 9.79 25.96
N LYS A 216 8.84 10.43 26.55
CA LYS A 216 8.82 10.92 27.94
C LYS A 216 7.69 11.93 28.10
N VAL A 217 7.56 12.84 27.12
CA VAL A 217 6.57 13.90 27.15
C VAL A 217 5.12 13.49 26.82
N THR A 218 4.91 12.43 26.01
CA THR A 218 3.58 11.94 25.62
C THR A 218 3.12 10.74 26.45
N GLY A 219 4.06 10.01 27.04
CA GLY A 219 3.79 8.82 27.83
C GLY A 219 3.40 7.61 26.99
N ILE A 220 3.75 7.63 25.70
CA ILE A 220 3.46 6.57 24.72
C ILE A 220 4.80 6.02 24.22
N GLN A 221 4.94 4.68 24.19
CA GLN A 221 6.15 4.02 23.69
C GLN A 221 6.23 4.22 22.17
N LEU A 222 7.33 4.82 21.71
CA LEU A 222 7.56 5.13 20.30
C LEU A 222 8.86 4.52 19.82
N LEU A 223 9.79 4.34 20.75
CA LEU A 223 11.11 3.80 20.47
C LEU A 223 11.15 2.33 20.85
N ASN A 224 11.80 1.51 20.01
CA ASN A 224 11.97 0.05 20.20
C ASN A 224 10.65 -0.72 20.12
N THR A 225 9.58 -0.10 19.61
CA THR A 225 8.25 -0.70 19.45
C THR A 225 8.24 -1.80 18.37
N PRO A 226 7.33 -2.80 18.42
CA PRO A 226 7.33 -3.83 17.35
C PRO A 226 7.15 -3.30 15.92
N ALA A 227 7.55 -4.14 14.94
CA ALA A 227 7.44 -3.83 13.51
C ALA A 227 5.95 -3.55 13.20
N PRO A 228 5.61 -2.36 12.70
CA PRO A 228 4.19 -2.07 12.44
C PRO A 228 3.67 -2.76 11.19
N LEU A 229 2.33 -2.85 11.04
CA LEU A 229 1.73 -3.46 9.86
C LEU A 229 1.88 -2.49 8.68
N PRO A 230 1.91 -2.97 7.40
CA PRO A 230 1.99 -2.01 6.27
C PRO A 230 0.76 -1.09 6.27
N THR A 231 0.82 0.05 5.56
CA THR A 231 -0.33 0.97 5.46
C THR A 231 -1.54 0.22 4.88
N SER A 232 -2.72 0.43 5.45
CA SER A 232 -3.94 -0.22 4.96
C SER A 232 -4.76 0.76 4.07
N CYS A 233 -6.01 0.42 3.73
CA CYS A 233 -6.85 1.28 2.88
C CYS A 233 -8.08 1.67 3.63
N ASN A 234 -8.45 2.95 3.58
CA ASN A 234 -9.73 3.37 4.13
C ASN A 234 -10.64 3.37 2.89
N PRO A 235 -11.67 2.48 2.82
CA PRO A 235 -12.54 2.39 1.62
C PRO A 235 -13.07 3.71 1.02
N SER A 236 -13.41 4.68 1.87
CA SER A 236 -13.95 5.98 1.42
C SER A 236 -12.91 6.95 0.87
N ASP A 237 -11.61 6.64 1.02
CA ASP A 237 -10.53 7.47 0.50
C ASP A 237 -9.95 6.95 -0.81
N MET A 238 -10.55 5.90 -1.37
CA MET A 238 -10.03 5.31 -2.60
C MET A 238 -10.76 5.85 -3.83
N SER A 239 -10.09 5.71 -5.00
CA SER A 239 -10.70 6.01 -6.29
C SER A 239 -11.41 4.72 -6.63
N HIS A 240 -12.74 4.78 -6.84
CA HIS A 240 -13.56 3.62 -7.19
C HIS A 240 -13.88 3.66 -8.66
N GLY A 241 -13.57 2.55 -9.35
CA GLY A 241 -13.79 2.41 -10.79
C GLY A 241 -14.85 1.38 -11.14
N TYR A 242 -15.60 1.64 -12.23
CA TYR A 242 -16.68 0.78 -12.70
C TYR A 242 -16.66 0.64 -14.22
N VAL A 243 -16.61 -0.60 -14.72
CA VAL A 243 -16.59 -0.95 -16.14
C VAL A 243 -17.71 -1.95 -16.43
N THR A 244 -18.55 -1.64 -17.42
CA THR A 244 -19.59 -2.56 -17.89
C THR A 244 -18.91 -3.45 -18.94
N VAL A 245 -18.82 -4.76 -18.64
CA VAL A 245 -18.17 -5.73 -19.51
C VAL A 245 -19.13 -6.42 -20.50
N LYS A 246 -20.43 -6.36 -20.21
CA LYS A 246 -21.56 -6.86 -21.01
C LYS A 246 -22.88 -6.29 -20.46
N PRO A 247 -24.00 -6.25 -21.25
CA PRO A 247 -25.24 -5.61 -20.75
C PRO A 247 -25.61 -5.76 -19.28
N ARG A 248 -25.55 -6.97 -18.75
CA ARG A 248 -25.92 -7.19 -17.35
C ARG A 248 -24.73 -7.30 -16.38
N VAL A 249 -23.48 -7.12 -16.86
CA VAL A 249 -22.30 -7.26 -15.98
C VAL A 249 -21.41 -6.03 -15.89
N ARG A 250 -21.30 -5.50 -14.68
CA ARG A 250 -20.43 -4.39 -14.36
C ARG A 250 -19.37 -4.89 -13.33
N LEU A 251 -18.10 -4.51 -13.55
CA LEU A 251 -17.00 -4.84 -12.66
C LEU A 251 -16.51 -3.60 -11.91
N HIS A 252 -16.41 -3.72 -10.58
CA HIS A 252 -15.92 -2.66 -9.70
C HIS A 252 -14.46 -2.96 -9.31
N PHE A 253 -13.68 -1.88 -9.12
CA PHE A 253 -12.30 -1.96 -8.70
C PHE A 253 -11.87 -0.69 -7.98
N VAL A 254 -10.83 -0.82 -7.18
CA VAL A 254 -10.20 0.28 -6.47
C VAL A 254 -8.89 0.49 -7.22
N GLU A 255 -8.49 1.75 -7.39
CA GLU A 255 -7.31 2.10 -8.19
C GLU A 255 -6.39 3.07 -7.48
N LEU A 256 -5.09 2.74 -7.44
CA LEU A 256 -4.07 3.56 -6.78
C LEU A 256 -2.71 3.42 -7.44
N GLY A 257 -2.09 4.57 -7.71
CA GLY A 257 -0.74 4.65 -8.25
C GLY A 257 -0.63 4.84 -9.74
N SER A 258 0.63 4.95 -10.20
CA SER A 258 1.02 5.09 -11.61
C SER A 258 2.12 4.08 -11.90
N GLY A 259 2.27 3.71 -13.17
CA GLY A 259 3.24 2.74 -13.63
C GLY A 259 2.58 1.56 -14.29
N PRO A 260 3.28 0.40 -14.44
CA PRO A 260 2.63 -0.76 -15.07
C PRO A 260 1.39 -1.22 -14.29
N ALA A 261 0.31 -1.57 -15.01
CA ALA A 261 -0.94 -1.99 -14.40
C ALA A 261 -0.80 -3.36 -13.73
N VAL A 262 -1.22 -3.44 -12.46
CA VAL A 262 -1.17 -4.67 -11.67
C VAL A 262 -2.61 -4.98 -11.25
N CYS A 263 -3.18 -6.04 -11.80
CA CYS A 263 -4.55 -6.44 -11.51
C CYS A 263 -4.64 -7.50 -10.42
N LEU A 264 -5.17 -7.11 -9.26
CA LEU A 264 -5.32 -7.98 -8.07
C LEU A 264 -6.65 -8.71 -8.04
N CYS A 265 -6.59 -10.04 -7.95
CA CYS A 265 -7.77 -10.93 -8.01
C CYS A 265 -7.94 -11.77 -6.74
N HIS A 266 -8.90 -11.40 -5.89
CA HIS A 266 -9.17 -12.06 -4.62
C HIS A 266 -9.82 -13.45 -4.78
N GLY A 267 -9.90 -14.19 -3.67
CA GLY A 267 -10.50 -15.51 -3.67
C GLY A 267 -11.87 -15.55 -3.02
N PHE A 268 -12.27 -16.74 -2.59
CA PHE A 268 -13.55 -16.98 -1.96
C PHE A 268 -13.42 -17.05 -0.44
N PRO A 269 -14.31 -16.41 0.33
CA PRO A 269 -15.39 -15.48 -0.04
C PRO A 269 -14.88 -14.07 0.28
N GLU A 270 -14.18 -13.45 -0.67
CA GLU A 270 -13.49 -12.22 -0.36
C GLU A 270 -13.96 -10.87 -0.95
N SER A 271 -13.03 -9.94 -1.21
CA SER A 271 -13.30 -8.56 -1.64
C SER A 271 -12.00 -7.95 -2.15
N TRP A 272 -12.10 -6.79 -2.85
CA TRP A 272 -10.93 -5.99 -3.22
C TRP A 272 -10.15 -5.68 -1.91
N TYR A 273 -10.90 -5.48 -0.79
CA TYR A 273 -10.39 -5.17 0.55
C TYR A 273 -9.43 -6.21 1.12
N SER A 274 -9.46 -7.44 0.59
CA SER A 274 -8.50 -8.48 1.00
C SER A 274 -7.06 -8.10 0.61
N TRP A 275 -6.90 -7.10 -0.29
CA TRP A 275 -5.59 -6.60 -0.72
C TRP A 275 -5.26 -5.25 -0.05
N ARG A 276 -6.02 -4.86 1.00
CA ARG A 276 -5.83 -3.59 1.70
C ARG A 276 -4.38 -3.25 2.07
N TYR A 277 -3.56 -4.27 2.45
CA TYR A 277 -2.16 -4.07 2.83
C TYR A 277 -1.20 -4.06 1.64
N GLN A 278 -1.65 -4.56 0.47
CA GLN A 278 -0.79 -4.60 -0.72
C GLN A 278 -0.98 -3.36 -1.56
N ILE A 279 -2.22 -2.82 -1.64
CA ILE A 279 -2.56 -1.65 -2.47
C ILE A 279 -1.62 -0.45 -2.24
N PRO A 280 -1.49 0.14 -1.02
CA PRO A 280 -0.58 1.28 -0.86
C PRO A 280 0.87 0.89 -1.13
N ALA A 281 1.30 -0.30 -0.66
CA ALA A 281 2.67 -0.80 -0.87
C ALA A 281 3.07 -0.89 -2.36
N LEU A 282 2.25 -1.59 -3.19
CA LEU A 282 2.51 -1.78 -4.63
C LEU A 282 2.49 -0.45 -5.39
N ALA A 283 1.57 0.45 -5.01
CA ALA A 283 1.45 1.79 -5.60
C ALA A 283 2.74 2.57 -5.30
N GLN A 284 3.20 2.50 -4.03
CA GLN A 284 4.43 3.15 -3.57
C GLN A 284 5.67 2.58 -4.28
N ALA A 285 5.63 1.29 -4.64
CA ALA A 285 6.74 0.64 -5.36
C ALA A 285 6.80 1.02 -6.87
N GLY A 286 5.85 1.83 -7.34
CA GLY A 286 5.83 2.32 -8.72
C GLY A 286 4.91 1.59 -9.68
N TYR A 287 3.76 1.10 -9.17
CA TYR A 287 2.78 0.38 -10.00
C TYR A 287 1.39 0.98 -9.92
N ARG A 288 0.60 0.75 -10.98
CA ARG A 288 -0.79 1.20 -11.06
C ARG A 288 -1.61 0.00 -10.60
N VAL A 289 -2.13 0.06 -9.38
CA VAL A 289 -2.86 -1.06 -8.80
C VAL A 289 -4.33 -1.02 -9.16
N LEU A 290 -4.89 -2.15 -9.62
CA LEU A 290 -6.32 -2.27 -9.87
C LEU A 290 -6.80 -3.45 -9.04
N ALA A 291 -7.40 -3.16 -7.86
CA ALA A 291 -7.90 -4.19 -6.94
C ALA A 291 -9.36 -4.45 -7.21
N MET A 292 -9.64 -5.61 -7.78
CA MET A 292 -10.98 -6.01 -8.21
C MET A 292 -11.88 -6.49 -7.13
N ASP A 293 -13.19 -6.31 -7.38
CA ASP A 293 -14.28 -7.00 -6.74
C ASP A 293 -14.55 -7.98 -7.89
N MET A 294 -14.24 -9.25 -7.69
CA MET A 294 -14.43 -10.27 -8.71
C MET A 294 -15.94 -10.46 -8.94
N LYS A 295 -16.34 -10.92 -10.13
CA LYS A 295 -17.75 -11.14 -10.45
C LYS A 295 -18.42 -11.93 -9.31
N GLY A 296 -19.58 -11.44 -8.87
CA GLY A 296 -20.34 -12.03 -7.77
C GLY A 296 -20.11 -11.39 -6.41
N TYR A 297 -19.19 -10.40 -6.35
CA TYR A 297 -18.77 -9.77 -5.10
C TYR A 297 -18.91 -8.28 -5.04
N GLY A 298 -19.15 -7.79 -3.82
CA GLY A 298 -19.25 -6.37 -3.48
C GLY A 298 -20.05 -5.53 -4.45
N GLU A 299 -19.40 -4.51 -5.01
CA GLU A 299 -20.01 -3.57 -5.98
C GLU A 299 -20.02 -4.06 -7.43
N SER A 300 -19.48 -5.28 -7.67
CA SER A 300 -19.54 -5.89 -9.01
C SER A 300 -20.87 -6.59 -9.13
N SER A 301 -21.31 -6.80 -10.38
CA SER A 301 -22.57 -7.48 -10.65
C SER A 301 -22.48 -8.92 -10.21
N ALA A 302 -23.61 -9.48 -9.77
CA ALA A 302 -23.70 -10.86 -9.33
C ALA A 302 -24.90 -11.55 -9.99
N PRO A 303 -24.83 -11.89 -11.31
CA PRO A 303 -25.97 -12.59 -11.95
C PRO A 303 -26.21 -13.95 -11.29
N PRO A 304 -27.46 -14.48 -11.26
CA PRO A 304 -27.71 -15.73 -10.53
C PRO A 304 -27.26 -17.04 -11.20
N GLU A 305 -27.21 -17.07 -12.54
CA GLU A 305 -26.89 -18.28 -13.32
C GLU A 305 -25.51 -18.85 -13.01
N ILE A 306 -25.43 -20.18 -12.84
CA ILE A 306 -24.20 -20.90 -12.53
C ILE A 306 -23.12 -20.68 -13.60
N GLU A 307 -23.49 -20.88 -14.88
CA GLU A 307 -22.68 -20.78 -16.10
C GLU A 307 -21.97 -19.42 -16.25
N GLU A 308 -22.50 -18.37 -15.63
CA GLU A 308 -21.93 -17.03 -15.62
C GLU A 308 -20.59 -17.00 -14.86
N TYR A 309 -20.29 -18.07 -14.08
CA TYR A 309 -19.12 -18.17 -13.21
C TYR A 309 -18.13 -19.24 -13.61
N CYS A 310 -18.27 -19.80 -14.82
CA CYS A 310 -17.30 -20.75 -15.33
C CYS A 310 -16.03 -19.94 -15.72
N MET A 311 -14.85 -20.57 -15.62
CA MET A 311 -13.56 -19.91 -15.88
C MET A 311 -13.45 -19.19 -17.23
N GLU A 312 -13.97 -19.81 -18.29
CA GLU A 312 -13.99 -19.27 -19.66
C GLU A 312 -14.67 -17.90 -19.75
N VAL A 313 -15.83 -17.76 -19.09
CA VAL A 313 -16.63 -16.53 -19.09
C VAL A 313 -15.94 -15.47 -18.26
N LEU A 314 -15.47 -15.86 -17.06
CA LEU A 314 -14.78 -15.00 -16.11
C LEU A 314 -13.51 -14.40 -16.75
N CYS A 315 -12.73 -15.23 -17.44
CA CYS A 315 -11.51 -14.81 -18.13
C CYS A 315 -11.81 -13.87 -19.31
N LYS A 316 -12.83 -14.18 -20.13
CA LYS A 316 -13.28 -13.36 -21.26
C LYS A 316 -13.69 -11.96 -20.77
N GLU A 317 -14.41 -11.91 -19.64
CA GLU A 317 -14.83 -10.67 -19.00
C GLU A 317 -13.66 -9.82 -18.53
N MET A 318 -12.56 -10.46 -18.03
CA MET A 318 -11.36 -9.77 -17.56
C MET A 318 -10.58 -9.20 -18.75
N VAL A 319 -10.67 -9.87 -19.92
CA VAL A 319 -10.07 -9.40 -21.17
C VAL A 319 -10.86 -8.15 -21.64
N THR A 320 -12.22 -8.20 -21.58
CA THR A 320 -13.08 -7.06 -21.91
C THR A 320 -12.79 -5.88 -20.98
N PHE A 321 -12.57 -6.18 -19.67
CA PHE A 321 -12.21 -5.20 -18.66
C PHE A 321 -10.95 -4.43 -19.08
N LEU A 322 -9.91 -5.14 -19.54
CA LEU A 322 -8.68 -4.52 -20.05
C LEU A 322 -8.98 -3.68 -21.31
N ASP A 323 -9.74 -4.27 -22.27
CA ASP A 323 -10.16 -3.61 -23.52
C ASP A 323 -10.83 -2.27 -23.25
N LYS A 324 -11.81 -2.24 -22.32
CA LYS A 324 -12.57 -1.04 -21.99
C LYS A 324 -11.78 0.00 -21.24
N LEU A 325 -10.74 -0.42 -20.48
CA LEU A 325 -9.87 0.53 -19.78
C LEU A 325 -8.74 1.05 -20.69
N GLY A 326 -8.57 0.43 -21.86
CA GLY A 326 -7.53 0.76 -22.84
C GLY A 326 -6.18 0.20 -22.44
N LEU A 327 -6.17 -0.96 -21.76
CA LEU A 327 -4.95 -1.62 -21.31
C LEU A 327 -4.64 -2.80 -22.20
N SER A 328 -3.48 -2.79 -22.85
CA SER A 328 -3.08 -3.89 -23.73
C SER A 328 -2.62 -5.08 -22.90
N GLN A 329 -2.09 -4.81 -21.67
CA GLN A 329 -1.68 -5.82 -20.70
C GLN A 329 -1.86 -5.35 -19.26
N ALA A 330 -1.78 -6.30 -18.33
CA ALA A 330 -1.71 -6.05 -16.91
C ALA A 330 -0.97 -7.21 -16.31
N VAL A 331 -0.32 -6.98 -15.17
CA VAL A 331 0.29 -8.07 -14.41
C VAL A 331 -0.91 -8.65 -13.64
N PHE A 332 -1.09 -9.97 -13.67
CA PHE A 332 -2.20 -10.57 -12.95
C PHE A 332 -1.75 -11.30 -11.70
N ILE A 333 -2.21 -10.83 -10.55
CA ILE A 333 -1.88 -11.42 -9.24
C ILE A 333 -3.15 -11.91 -8.60
N GLY A 334 -3.23 -13.21 -8.37
CA GLY A 334 -4.41 -13.83 -7.77
C GLY A 334 -4.15 -14.62 -6.51
N HIS A 335 -5.21 -14.80 -5.71
CA HIS A 335 -5.20 -15.59 -4.47
C HIS A 335 -6.44 -16.46 -4.49
N ASP A 336 -6.28 -17.75 -4.13
CA ASP A 336 -7.37 -18.73 -4.03
C ASP A 336 -8.09 -18.87 -5.40
N TRP A 337 -9.41 -18.58 -5.51
CA TRP A 337 -10.12 -18.64 -6.79
C TRP A 337 -9.53 -17.65 -7.83
N GLY A 338 -9.07 -16.49 -7.34
CA GLY A 338 -8.40 -15.48 -8.17
C GLY A 338 -7.08 -16.00 -8.73
N GLY A 339 -6.39 -16.83 -7.94
CA GLY A 339 -5.13 -17.47 -8.33
C GLY A 339 -5.34 -18.44 -9.45
N MET A 340 -6.45 -19.20 -9.39
CA MET A 340 -6.85 -20.14 -10.43
C MET A 340 -7.14 -19.39 -11.74
N LEU A 341 -7.91 -18.26 -11.66
CA LEU A 341 -8.28 -17.44 -12.81
C LEU A 341 -7.03 -16.90 -13.52
N VAL A 342 -6.10 -16.41 -12.70
CA VAL A 342 -4.82 -15.83 -13.08
C VAL A 342 -3.94 -16.84 -13.87
N TRP A 343 -3.94 -18.14 -13.51
CA TRP A 343 -3.23 -19.14 -14.32
C TRP A 343 -3.95 -19.35 -15.65
N TYR A 344 -5.30 -19.26 -15.65
CA TYR A 344 -6.07 -19.45 -16.88
C TYR A 344 -5.97 -18.28 -17.84
N MET A 345 -5.77 -17.05 -17.30
CA MET A 345 -5.51 -15.84 -18.08
C MET A 345 -4.17 -16.02 -18.80
N ALA A 346 -3.16 -16.58 -18.10
CA ALA A 346 -1.85 -16.85 -18.67
C ALA A 346 -1.88 -17.92 -19.79
N LEU A 347 -2.67 -19.00 -19.62
CA LEU A 347 -2.78 -20.08 -20.63
C LEU A 347 -3.57 -19.72 -21.88
N PHE A 348 -4.63 -18.92 -21.72
CA PHE A 348 -5.54 -18.58 -22.82
C PHE A 348 -5.34 -17.20 -23.40
N TYR A 349 -4.79 -16.26 -22.60
CA TYR A 349 -4.55 -14.89 -23.07
C TYR A 349 -3.13 -14.42 -22.72
N PRO A 350 -2.06 -15.15 -23.13
CA PRO A 350 -0.70 -14.70 -22.78
C PRO A 350 -0.32 -13.31 -23.28
N GLU A 351 -0.92 -12.86 -24.40
CA GLU A 351 -0.65 -11.52 -24.95
C GLU A 351 -1.15 -10.36 -24.08
N ARG A 352 -2.12 -10.63 -23.19
CA ARG A 352 -2.74 -9.63 -22.29
C ARG A 352 -2.18 -9.67 -20.88
N VAL A 353 -1.35 -10.68 -20.59
CA VAL A 353 -0.77 -10.88 -19.25
C VAL A 353 0.72 -10.54 -19.32
N ARG A 354 1.13 -9.45 -18.63
CA ARG A 354 2.51 -8.99 -18.57
C ARG A 354 3.35 -10.00 -17.77
N ALA A 355 2.78 -10.47 -16.65
CA ALA A 355 3.34 -11.47 -15.76
C ALA A 355 2.19 -12.02 -14.92
N VAL A 356 2.39 -13.22 -14.38
CA VAL A 356 1.39 -13.89 -13.58
C VAL A 356 1.96 -14.31 -12.23
N ALA A 357 1.23 -14.01 -11.14
CA ALA A 357 1.62 -14.44 -9.79
C ALA A 357 0.43 -15.04 -9.06
N SER A 358 0.68 -16.12 -8.31
CA SER A 358 -0.38 -16.74 -7.51
C SER A 358 0.03 -16.94 -6.07
N LEU A 359 -0.89 -16.61 -5.17
CA LEU A 359 -0.72 -16.86 -3.75
C LEU A 359 -1.54 -18.11 -3.47
N ASN A 360 -0.88 -19.15 -2.89
CA ASN A 360 -1.46 -20.43 -2.45
C ASN A 360 -1.95 -21.37 -3.53
N THR A 361 -2.66 -20.85 -4.56
CA THR A 361 -3.22 -21.65 -5.64
C THR A 361 -2.17 -22.21 -6.58
N PRO A 362 -2.02 -23.55 -6.64
CA PRO A 362 -1.04 -24.11 -7.57
C PRO A 362 -1.61 -24.22 -8.99
N PHE A 363 -0.73 -24.40 -9.97
CA PHE A 363 -1.23 -24.67 -11.29
C PHE A 363 -1.11 -26.19 -11.50
N ILE A 364 -2.26 -26.87 -11.59
CA ILE A 364 -2.31 -28.32 -11.82
C ILE A 364 -3.07 -28.58 -13.11
N PRO A 365 -2.43 -29.13 -14.16
CA PRO A 365 -3.17 -29.38 -15.41
C PRO A 365 -4.30 -30.38 -15.19
N ALA A 366 -5.43 -30.18 -15.91
CA ALA A 366 -6.60 -31.03 -15.82
C ALA A 366 -6.26 -32.48 -16.18
N ASN A 367 -6.85 -33.44 -15.44
CA ASN A 367 -6.65 -34.85 -15.74
C ASN A 367 -7.74 -35.24 -16.75
N PRO A 368 -7.40 -35.48 -18.04
CA PRO A 368 -8.46 -35.83 -19.01
C PRO A 368 -9.03 -37.24 -18.83
N ASN A 369 -8.39 -38.07 -17.98
CA ASN A 369 -8.79 -39.45 -17.72
C ASN A 369 -9.47 -39.63 -16.35
N MET A 370 -10.00 -38.53 -15.80
CA MET A 370 -10.69 -38.50 -14.52
C MET A 370 -11.65 -37.32 -14.47
N SER A 371 -12.92 -37.57 -14.10
CA SER A 371 -13.93 -36.53 -13.97
C SER A 371 -13.58 -35.67 -12.76
N PRO A 372 -13.73 -34.33 -12.82
CA PRO A 372 -13.36 -33.47 -11.69
C PRO A 372 -13.98 -33.85 -10.33
N LEU A 373 -15.22 -34.38 -10.31
CA LEU A 373 -15.91 -34.79 -9.09
C LEU A 373 -15.22 -35.98 -8.40
N GLU A 374 -14.55 -36.87 -9.18
CA GLU A 374 -13.76 -37.99 -8.68
C GLU A 374 -12.49 -37.44 -7.99
N SER A 375 -11.84 -36.46 -8.64
CA SER A 375 -10.61 -35.80 -8.19
C SER A 375 -10.81 -35.07 -6.85
N ILE A 376 -11.92 -34.33 -6.71
CA ILE A 376 -12.30 -33.58 -5.49
C ILE A 376 -12.58 -34.58 -4.35
N LYS A 377 -13.22 -35.71 -4.67
CA LYS A 377 -13.54 -36.80 -3.74
C LYS A 377 -12.27 -37.47 -3.22
N ALA A 378 -11.21 -37.56 -4.07
CA ALA A 378 -9.91 -38.16 -3.74
C ALA A 378 -9.11 -37.41 -2.64
N ASN A 379 -9.51 -36.16 -2.30
CA ASN A 379 -8.85 -35.36 -1.27
C ASN A 379 -9.78 -34.99 -0.10
N PRO A 380 -9.51 -35.54 1.12
CA PRO A 380 -10.38 -35.26 2.29
C PRO A 380 -10.62 -33.78 2.63
N VAL A 381 -9.62 -32.90 2.39
CA VAL A 381 -9.73 -31.44 2.67
C VAL A 381 -10.70 -30.72 1.72
N PHE A 382 -10.96 -31.30 0.53
CA PHE A 382 -11.86 -30.75 -0.49
C PHE A 382 -13.32 -31.19 -0.33
N ASP A 383 -13.69 -31.76 0.84
CA ASP A 383 -15.06 -32.21 1.12
C ASP A 383 -16.05 -31.05 1.10
N TYR A 384 -15.66 -29.90 1.69
CA TYR A 384 -16.46 -28.66 1.76
C TYR A 384 -16.98 -28.25 0.36
N GLN A 385 -16.20 -28.53 -0.72
CA GLN A 385 -16.54 -28.23 -2.11
C GLN A 385 -17.76 -29.02 -2.57
N LEU A 386 -17.93 -30.27 -2.06
CA LEU A 386 -19.09 -31.11 -2.40
C LEU A 386 -20.35 -30.57 -1.72
N TYR A 387 -20.16 -30.01 -0.51
CA TYR A 387 -21.21 -29.36 0.27
C TYR A 387 -21.71 -28.08 -0.45
N PHE A 388 -20.80 -27.45 -1.23
CA PHE A 388 -21.05 -26.22 -1.97
C PHE A 388 -21.78 -26.45 -3.30
N GLN A 389 -21.94 -27.71 -3.73
CA GLN A 389 -22.54 -28.03 -5.03
C GLN A 389 -24.03 -27.77 -5.20
N GLU A 390 -24.86 -28.17 -4.22
CA GLU A 390 -26.32 -28.01 -4.28
C GLU A 390 -26.72 -26.56 -4.08
N PRO A 391 -27.31 -25.91 -5.10
CA PRO A 391 -27.66 -24.48 -4.95
C PRO A 391 -28.66 -24.21 -3.82
N GLY A 392 -28.32 -23.26 -2.95
CA GLY A 392 -29.15 -22.84 -1.83
C GLY A 392 -28.68 -23.25 -0.45
N VAL A 393 -28.16 -24.48 -0.31
CA VAL A 393 -27.71 -25.05 0.97
C VAL A 393 -26.65 -24.21 1.68
N ALA A 394 -25.46 -24.07 1.07
CA ALA A 394 -24.36 -23.27 1.65
C ALA A 394 -24.74 -21.80 1.74
N GLU A 395 -25.54 -21.29 0.76
CA GLU A 395 -26.02 -19.89 0.81
C GLU A 395 -26.75 -19.64 2.12
N ALA A 396 -27.69 -20.54 2.47
CA ALA A 396 -28.47 -20.45 3.71
C ALA A 396 -27.60 -20.41 4.95
N GLU A 397 -26.60 -21.33 5.05
CA GLU A 397 -25.68 -21.35 6.19
C GLU A 397 -24.79 -20.12 6.25
N LEU A 398 -24.16 -19.76 5.11
CA LEU A 398 -23.24 -18.61 5.05
C LEU A 398 -23.91 -17.26 5.23
N GLU A 399 -25.13 -17.09 4.67
CA GLU A 399 -25.92 -15.84 4.79
C GLU A 399 -26.70 -15.72 6.11
N GLN A 400 -26.86 -16.82 6.88
CA GLN A 400 -27.61 -16.83 8.15
C GLN A 400 -27.17 -15.75 9.12
N ASN A 401 -25.86 -15.69 9.38
CA ASN A 401 -25.23 -14.71 10.25
C ASN A 401 -23.89 -14.38 9.61
N LEU A 402 -23.82 -13.23 8.90
CA LEU A 402 -22.63 -12.77 8.17
C LEU A 402 -21.42 -12.53 9.05
N SER A 403 -21.62 -11.84 10.18
CA SER A 403 -20.55 -11.54 11.14
C SER A 403 -19.90 -12.83 11.63
N ARG A 404 -20.72 -13.87 11.90
CA ARG A 404 -20.24 -15.18 12.34
C ARG A 404 -19.47 -15.86 11.20
N THR A 405 -20.00 -15.77 9.96
CA THR A 405 -19.36 -16.35 8.77
C THR A 405 -17.89 -15.87 8.62
N PHE A 406 -17.65 -14.53 8.57
CA PHE A 406 -16.30 -13.98 8.41
C PHE A 406 -15.43 -14.16 9.62
N LYS A 407 -16.02 -14.05 10.83
CA LYS A 407 -15.29 -14.29 12.08
C LYS A 407 -14.82 -15.75 12.15
N SER A 408 -15.65 -16.71 11.69
CA SER A 408 -15.30 -18.13 11.65
C SER A 408 -14.24 -18.43 10.59
N LEU A 409 -14.39 -17.84 9.39
CA LEU A 409 -13.46 -18.08 8.27
C LEU A 409 -12.10 -17.42 8.40
N PHE A 410 -12.08 -16.10 8.62
CA PHE A 410 -10.85 -15.30 8.68
C PHE A 410 -10.10 -15.47 9.98
N ARG A 411 -9.31 -16.57 10.08
CA ARG A 411 -8.52 -16.91 11.26
C ARG A 411 -7.12 -17.34 10.88
N ALA A 412 -6.12 -17.04 11.75
CA ALA A 412 -4.72 -17.44 11.56
C ALA A 412 -4.60 -18.96 11.79
N SER A 413 -3.48 -19.57 11.34
CA SER A 413 -3.24 -21.03 11.45
C SER A 413 -3.41 -21.63 12.86
N ASP A 414 -3.04 -20.83 13.88
CA ASP A 414 -3.09 -21.14 15.32
C ASP A 414 -4.44 -20.72 15.95
N GLU A 415 -5.51 -20.52 15.13
CA GLU A 415 -6.80 -20.03 15.64
C GLU A 415 -8.04 -20.76 15.16
N SER A 416 -7.92 -21.74 14.24
CA SER A 416 -9.06 -22.44 13.64
C SER A 416 -10.16 -22.88 14.60
N VAL A 417 -11.41 -22.67 14.15
CA VAL A 417 -12.67 -23.06 14.81
C VAL A 417 -13.43 -23.99 13.85
N LEU A 418 -12.95 -24.06 12.59
CA LEU A 418 -13.54 -24.84 11.49
C LEU A 418 -12.85 -26.16 11.19
N SER A 419 -13.60 -27.26 11.38
CA SER A 419 -13.15 -28.60 11.07
C SER A 419 -13.54 -28.85 9.61
N MET A 420 -12.53 -28.91 8.72
CA MET A 420 -12.74 -29.14 7.28
C MET A 420 -13.12 -30.60 6.97
N HIS A 421 -12.86 -31.53 7.92
CA HIS A 421 -13.17 -32.95 7.80
C HIS A 421 -14.66 -33.22 7.93
N LYS A 422 -15.20 -33.99 6.97
CA LYS A 422 -16.60 -34.41 6.87
C LYS A 422 -17.60 -33.26 7.10
N VAL A 423 -17.55 -32.23 6.24
CA VAL A 423 -18.43 -31.05 6.29
C VAL A 423 -19.86 -31.44 5.89
N CYS A 424 -20.00 -32.31 4.86
CA CYS A 424 -21.28 -32.83 4.37
C CYS A 424 -21.99 -33.65 5.45
N GLU A 425 -21.30 -34.70 5.97
CA GLU A 425 -21.81 -35.60 7.02
C GLU A 425 -22.15 -34.85 8.31
N ALA A 426 -21.36 -33.81 8.64
CA ALA A 426 -21.56 -32.94 9.80
C ALA A 426 -22.79 -32.03 9.62
N GLY A 427 -23.18 -31.80 8.37
CA GLY A 427 -24.34 -30.99 8.02
C GLY A 427 -24.06 -29.56 7.60
N GLY A 428 -22.81 -29.11 7.78
CA GLY A 428 -22.39 -27.75 7.43
C GLY A 428 -21.01 -27.38 7.90
N LEU A 429 -20.55 -26.18 7.49
CA LEU A 429 -19.24 -25.62 7.82
C LEU A 429 -19.08 -25.20 9.28
N PHE A 430 -20.14 -24.60 9.88
CA PHE A 430 -20.10 -24.02 11.22
C PHE A 430 -20.81 -24.79 12.34
N VAL A 431 -21.17 -26.07 12.10
CA VAL A 431 -21.88 -26.93 13.08
C VAL A 431 -21.09 -27.15 14.39
N ASN A 432 -19.75 -27.09 14.31
CA ASN A 432 -18.80 -27.27 15.42
C ASN A 432 -18.25 -25.92 15.88
N SER A 433 -18.70 -24.84 15.23
CA SER A 433 -18.23 -23.47 15.50
C SER A 433 -19.13 -22.72 16.50
N PRO A 434 -18.55 -21.82 17.34
CA PRO A 434 -19.39 -21.05 18.26
C PRO A 434 -20.31 -20.06 17.53
N GLU A 435 -21.42 -19.69 18.18
CA GLU A 435 -22.40 -18.74 17.63
C GLU A 435 -21.81 -17.34 17.64
N GLU A 436 -20.98 -17.05 18.64
CA GLU A 436 -20.29 -15.78 18.77
C GLU A 436 -18.78 -16.05 18.78
N PRO A 437 -18.16 -16.29 17.60
CA PRO A 437 -16.71 -16.55 17.56
C PRO A 437 -15.88 -15.38 18.06
N SER A 438 -14.69 -15.68 18.61
CA SER A 438 -13.77 -14.66 19.08
C SER A 438 -13.16 -13.97 17.85
N LEU A 439 -12.65 -12.75 18.05
CA LEU A 439 -12.04 -11.97 16.99
C LEU A 439 -10.60 -12.44 16.76
N SER A 440 -10.25 -12.74 15.50
CA SER A 440 -8.90 -13.15 15.12
C SER A 440 -7.91 -11.99 15.29
N ARG A 441 -6.62 -12.30 15.49
CA ARG A 441 -5.53 -11.32 15.64
C ARG A 441 -5.23 -10.62 14.30
N MET A 442 -5.65 -11.24 13.18
CA MET A 442 -5.47 -10.75 11.81
C MET A 442 -6.42 -9.61 11.46
N VAL A 443 -7.61 -9.54 12.11
CA VAL A 443 -8.68 -8.59 11.77
C VAL A 443 -9.29 -7.81 12.93
N THR A 444 -9.68 -6.55 12.69
CA THR A 444 -10.38 -5.74 13.68
C THR A 444 -11.88 -5.98 13.47
N GLU A 445 -12.72 -5.58 14.44
CA GLU A 445 -14.16 -5.68 14.36
C GLU A 445 -14.68 -4.85 13.18
N GLU A 446 -14.06 -3.68 12.94
CA GLU A 446 -14.36 -2.74 11.85
C GLU A 446 -14.14 -3.41 10.47
N GLU A 447 -13.02 -4.15 10.31
CA GLU A 447 -12.69 -4.86 9.09
C GLU A 447 -13.66 -6.00 8.79
N ILE A 448 -14.17 -6.70 9.85
CA ILE A 448 -15.17 -7.75 9.69
C ILE A 448 -16.46 -7.10 9.17
N GLN A 449 -16.88 -5.97 9.78
CA GLN A 449 -18.11 -5.26 9.38
C GLN A 449 -18.11 -4.75 7.93
N PHE A 450 -16.92 -4.46 7.35
CA PHE A 450 -16.82 -4.07 5.94
C PHE A 450 -17.22 -5.26 5.05
N TYR A 451 -16.70 -6.47 5.35
CA TYR A 451 -17.06 -7.68 4.60
C TYR A 451 -18.56 -7.97 4.77
N VAL A 452 -19.08 -7.81 6.01
CA VAL A 452 -20.50 -8.00 6.34
C VAL A 452 -21.36 -7.08 5.44
N GLN A 453 -21.02 -5.77 5.42
CA GLN A 453 -21.73 -4.77 4.60
C GLN A 453 -21.66 -5.08 3.11
N GLN A 454 -20.47 -5.53 2.63
CA GLN A 454 -20.27 -5.90 1.22
C GLN A 454 -21.16 -7.08 0.84
N PHE A 455 -21.19 -8.12 1.67
CA PHE A 455 -21.98 -9.32 1.40
C PHE A 455 -23.52 -9.17 1.54
N LYS A 456 -24.01 -8.04 2.11
CA LYS A 456 -25.43 -7.76 2.22
C LYS A 456 -26.07 -7.47 0.87
N LYS A 457 -25.27 -6.95 -0.09
CA LYS A 457 -25.74 -6.61 -1.44
C LYS A 457 -26.21 -7.81 -2.28
N SER A 458 -25.39 -8.85 -2.43
CA SER A 458 -25.74 -9.98 -3.31
C SER A 458 -25.73 -11.35 -2.66
N GLY A 459 -25.17 -11.44 -1.46
CA GLY A 459 -25.05 -12.70 -0.73
C GLY A 459 -23.98 -13.61 -1.28
N PHE A 460 -24.17 -14.91 -1.10
CA PHE A 460 -23.23 -15.96 -1.46
C PHE A 460 -23.51 -16.75 -2.72
N ARG A 461 -24.64 -16.49 -3.43
CA ARG A 461 -24.97 -17.24 -4.66
C ARG A 461 -23.88 -17.16 -5.75
N GLY A 462 -23.50 -15.93 -6.13
CA GLY A 462 -22.47 -15.68 -7.13
C GLY A 462 -21.12 -16.22 -6.69
N PRO A 463 -20.64 -15.86 -5.48
CA PRO A 463 -19.38 -16.46 -4.97
C PRO A 463 -19.37 -18.00 -5.00
N LEU A 464 -20.44 -18.67 -4.51
CA LEU A 464 -20.52 -20.14 -4.51
C LEU A 464 -20.60 -20.72 -5.90
N ASN A 465 -21.09 -19.94 -6.89
CA ASN A 465 -21.16 -20.40 -8.27
C ASN A 465 -19.79 -20.63 -8.90
N TRP A 466 -18.72 -19.99 -8.35
CA TRP A 466 -17.33 -20.19 -8.82
C TRP A 466 -16.93 -21.68 -8.67
N TYR A 467 -17.47 -22.36 -7.64
CA TYR A 467 -17.26 -23.78 -7.31
C TYR A 467 -18.21 -24.72 -8.05
N ARG A 468 -19.23 -24.16 -8.72
CA ARG A 468 -20.27 -24.94 -9.40
C ARG A 468 -20.09 -25.16 -10.89
N ASN A 469 -18.86 -24.99 -11.39
CA ASN A 469 -18.56 -25.20 -12.81
C ASN A 469 -17.42 -26.18 -13.05
N MET A 470 -17.17 -27.11 -12.08
CA MET A 470 -16.10 -28.10 -12.13
C MET A 470 -15.94 -28.80 -13.48
N GLU A 471 -17.05 -29.34 -14.03
CA GLU A 471 -17.10 -30.04 -15.33
C GLU A 471 -16.83 -29.11 -16.51
N ARG A 472 -17.45 -27.91 -16.50
CA ARG A 472 -17.30 -26.91 -17.55
C ARG A 472 -15.83 -26.45 -17.61
N ASN A 473 -15.25 -26.13 -16.44
CA ASN A 473 -13.86 -25.68 -16.28
C ASN A 473 -12.88 -26.74 -16.74
N TRP A 474 -13.14 -28.01 -16.37
CA TRP A 474 -12.32 -29.17 -16.73
C TRP A 474 -12.26 -29.36 -18.26
N LYS A 475 -13.42 -29.32 -18.94
CA LYS A 475 -13.52 -29.44 -20.40
C LYS A 475 -12.74 -28.31 -21.11
N TRP A 476 -12.83 -27.07 -20.58
CA TRP A 476 -12.13 -25.91 -21.12
C TRP A 476 -10.64 -26.06 -20.91
N ALA A 477 -10.22 -26.47 -19.69
CA ALA A 477 -8.82 -26.64 -19.31
C ALA A 477 -8.10 -27.68 -20.18
N CYS A 478 -8.82 -28.73 -20.61
CA CYS A 478 -8.28 -29.79 -21.47
C CYS A 478 -7.79 -29.29 -22.83
N LYS A 479 -8.35 -28.17 -23.34
CA LYS A 479 -7.93 -27.54 -24.60
C LYS A 479 -6.50 -26.98 -24.48
N SER A 480 -6.05 -26.68 -23.25
CA SER A 480 -4.74 -26.12 -22.94
C SER A 480 -3.68 -27.17 -22.54
N LEU A 481 -4.04 -28.48 -22.54
CA LEU A 481 -3.16 -29.58 -22.11
C LEU A 481 -1.82 -29.72 -22.86
N GLY A 482 -1.73 -29.18 -24.07
CA GLY A 482 -0.50 -29.20 -24.86
C GLY A 482 0.35 -27.94 -24.70
N ARG A 483 -0.16 -26.95 -23.95
CA ARG A 483 0.52 -25.68 -23.75
C ARG A 483 1.41 -25.66 -22.52
N LYS A 484 2.33 -24.69 -22.49
CA LYS A 484 3.17 -24.42 -21.34
C LYS A 484 3.00 -22.94 -21.01
N ILE A 485 3.28 -22.54 -19.76
CA ILE A 485 3.24 -21.14 -19.34
C ILE A 485 4.67 -20.66 -19.48
N LEU A 486 4.92 -19.77 -20.44
CA LEU A 486 6.27 -19.28 -20.76
C LEU A 486 6.49 -17.79 -20.53
N ILE A 487 5.49 -17.11 -19.96
CA ILE A 487 5.55 -15.70 -19.61
C ILE A 487 6.11 -15.64 -18.16
N PRO A 488 6.59 -14.49 -17.62
CA PRO A 488 7.09 -14.49 -16.23
C PRO A 488 6.01 -14.91 -15.24
N ALA A 489 6.36 -15.81 -14.32
CA ALA A 489 5.43 -16.39 -13.36
C ALA A 489 6.01 -16.56 -11.97
N LEU A 490 5.17 -16.37 -10.95
CA LEU A 490 5.54 -16.51 -9.55
C LEU A 490 4.50 -17.32 -8.81
N MET A 491 4.99 -18.34 -8.06
CA MET A 491 4.14 -19.17 -7.23
C MET A 491 4.53 -18.91 -5.79
N VAL A 492 3.58 -18.44 -4.97
CA VAL A 492 3.85 -18.17 -3.55
C VAL A 492 3.09 -19.19 -2.74
N THR A 493 3.82 -19.97 -1.94
CA THR A 493 3.22 -21.00 -1.08
C THR A 493 3.16 -20.52 0.35
N ALA A 494 2.11 -20.94 1.08
CA ALA A 494 1.86 -20.62 2.48
C ALA A 494 2.01 -21.93 3.28
N GLU A 495 3.01 -21.99 4.16
CA GLU A 495 3.35 -23.17 4.96
C GLU A 495 2.15 -23.87 5.63
N LYS A 496 1.31 -23.08 6.33
CA LYS A 496 0.18 -23.61 7.08
C LYS A 496 -1.21 -23.51 6.42
N ASP A 497 -1.25 -23.43 5.07
CA ASP A 497 -2.54 -23.46 4.38
C ASP A 497 -2.87 -24.94 4.28
N PHE A 498 -3.85 -25.41 5.07
CA PHE A 498 -4.20 -26.83 5.08
C PHE A 498 -5.11 -27.32 3.96
N VAL A 499 -5.60 -26.40 3.12
CA VAL A 499 -6.42 -26.73 1.95
C VAL A 499 -5.53 -26.63 0.68
N LEU A 500 -4.87 -25.46 0.51
CA LEU A 500 -3.96 -25.21 -0.61
C LEU A 500 -2.53 -25.38 -0.09
N VAL A 501 -2.16 -26.64 0.15
CA VAL A 501 -0.89 -27.08 0.72
C VAL A 501 0.30 -26.85 -0.26
N PRO A 502 1.46 -26.34 0.24
CA PRO A 502 2.64 -26.15 -0.64
C PRO A 502 2.99 -27.34 -1.53
N GLN A 503 2.85 -28.58 -0.99
CA GLN A 503 3.10 -29.86 -1.67
C GLN A 503 2.38 -29.95 -3.02
N MET A 504 1.12 -29.46 -3.11
CA MET A 504 0.28 -29.45 -4.32
C MET A 504 0.91 -28.69 -5.51
N SER A 505 1.90 -27.81 -5.25
CA SER A 505 2.58 -26.99 -6.26
C SER A 505 3.92 -27.58 -6.78
N GLN A 506 4.37 -28.71 -6.19
CA GLN A 506 5.67 -29.36 -6.48
C GLN A 506 5.98 -29.75 -7.93
N HIS A 507 4.96 -30.01 -8.77
CA HIS A 507 5.20 -30.41 -10.17
C HIS A 507 4.99 -29.30 -11.19
N MET A 508 4.80 -28.06 -10.72
CA MET A 508 4.54 -26.89 -11.56
C MET A 508 5.63 -26.57 -12.57
N GLU A 509 6.92 -26.82 -12.23
CA GLU A 509 8.04 -26.59 -13.16
C GLU A 509 7.96 -27.41 -14.46
N ASP A 510 7.14 -28.47 -14.48
CA ASP A 510 6.92 -29.30 -15.68
C ASP A 510 6.13 -28.52 -16.74
N TRP A 511 5.27 -27.58 -16.30
CA TRP A 511 4.40 -26.79 -17.17
C TRP A 511 4.80 -25.33 -17.24
N ILE A 512 5.55 -24.85 -16.24
CA ILE A 512 6.05 -23.48 -16.15
C ILE A 512 7.58 -23.62 -15.85
N PRO A 513 8.42 -24.01 -16.86
CA PRO A 513 9.86 -24.26 -16.57
C PRO A 513 10.65 -23.12 -15.93
N HIS A 514 10.35 -21.87 -16.28
CA HIS A 514 11.03 -20.69 -15.75
C HIS A 514 10.36 -20.09 -14.51
N LEU A 515 9.46 -20.86 -13.87
CA LEU A 515 8.73 -20.43 -12.67
C LEU A 515 9.65 -19.97 -11.54
N LYS A 516 9.32 -18.82 -10.94
CA LYS A 516 10.01 -18.27 -9.79
C LYS A 516 9.11 -18.56 -8.58
N ARG A 517 9.71 -18.65 -7.39
CA ARG A 517 8.95 -18.97 -6.19
C ARG A 517 9.16 -18.03 -5.04
N GLY A 518 8.23 -18.12 -4.11
CA GLY A 518 8.21 -17.43 -2.83
C GLY A 518 7.58 -18.37 -1.82
N HIS A 519 8.06 -18.35 -0.58
CA HIS A 519 7.48 -19.21 0.44
C HIS A 519 7.28 -18.44 1.73
N ILE A 520 6.10 -18.60 2.35
CA ILE A 520 5.81 -17.92 3.61
C ILE A 520 5.56 -18.90 4.74
N GLU A 521 6.46 -18.89 5.72
CA GLU A 521 6.37 -19.75 6.89
C GLU A 521 5.36 -19.17 7.87
N ASP A 522 4.72 -20.05 8.65
CA ASP A 522 3.69 -19.73 9.67
C ASP A 522 2.52 -18.90 9.08
N CYS A 523 2.19 -19.17 7.80
CA CYS A 523 1.13 -18.49 7.08
C CYS A 523 -0.02 -19.44 6.74
N GLY A 524 -1.23 -19.04 7.12
CA GLY A 524 -2.45 -19.78 6.83
C GLY A 524 -2.99 -19.49 5.43
N HIS A 525 -4.28 -19.79 5.21
CA HIS A 525 -4.94 -19.58 3.92
C HIS A 525 -5.11 -18.11 3.52
N TRP A 526 -5.41 -17.22 4.49
CA TRP A 526 -5.66 -15.79 4.29
C TRP A 526 -4.36 -15.00 4.27
N THR A 527 -3.47 -15.42 3.34
CA THR A 527 -2.11 -14.98 3.08
C THR A 527 -1.86 -13.48 3.21
N GLN A 528 -2.66 -12.65 2.49
CA GLN A 528 -2.51 -11.19 2.44
C GLN A 528 -2.65 -10.52 3.81
N MET A 529 -3.64 -10.92 4.62
CA MET A 529 -3.86 -10.33 5.95
C MET A 529 -3.08 -11.03 7.06
N ASP A 530 -2.70 -12.31 6.84
CA ASP A 530 -1.93 -13.12 7.78
C ASP A 530 -0.50 -12.62 7.84
N LYS A 531 0.17 -12.55 6.67
CA LYS A 531 1.56 -12.12 6.57
C LYS A 531 1.70 -10.97 5.56
N PRO A 532 1.09 -9.79 5.82
CA PRO A 532 1.14 -8.69 4.84
C PRO A 532 2.51 -8.17 4.45
N THR A 533 3.42 -8.03 5.42
CA THR A 533 4.80 -7.54 5.20
C THR A 533 5.60 -8.46 4.27
N GLU A 534 5.48 -9.78 4.47
CA GLU A 534 6.20 -10.80 3.71
C GLU A 534 5.68 -10.88 2.27
N VAL A 535 4.33 -10.84 2.12
CA VAL A 535 3.63 -10.84 0.82
C VAL A 535 4.15 -9.65 -0.02
N ASN A 536 4.14 -8.42 0.56
CA ASN A 536 4.58 -7.20 -0.12
C ASN A 536 6.03 -7.27 -0.55
N GLN A 537 6.89 -7.80 0.34
CA GLN A 537 8.33 -7.98 0.09
C GLN A 537 8.56 -8.92 -1.13
N ILE A 538 7.88 -10.07 -1.16
CA ILE A 538 7.95 -11.06 -2.24
C ILE A 538 7.41 -10.50 -3.57
N LEU A 539 6.22 -9.86 -3.53
CA LEU A 539 5.62 -9.31 -4.74
C LEU A 539 6.41 -8.16 -5.32
N ILE A 540 6.87 -7.20 -4.47
CA ILE A 540 7.64 -6.04 -4.97
C ILE A 540 8.95 -6.48 -5.63
N LYS A 541 9.71 -7.36 -4.95
CA LYS A 541 10.98 -7.90 -5.45
C LYS A 541 10.77 -8.58 -6.83
N TRP A 542 9.74 -9.44 -6.94
CA TRP A 542 9.40 -10.14 -8.20
C TRP A 542 8.95 -9.17 -9.29
N LEU A 543 8.09 -8.18 -8.95
CA LEU A 543 7.61 -7.16 -9.89
C LEU A 543 8.76 -6.35 -10.51
N ASP A 544 9.68 -5.86 -9.65
CA ASP A 544 10.82 -5.04 -10.09
C ASP A 544 11.84 -5.80 -10.94
N SER A 545 11.92 -7.13 -10.79
CA SER A 545 12.85 -7.97 -11.55
C SER A 545 12.26 -8.55 -12.85
N ASP A 546 11.00 -9.03 -12.81
CA ASP A 546 10.33 -9.72 -13.92
C ASP A 546 9.13 -9.04 -14.61
N ALA A 547 8.55 -8.00 -14.00
CA ALA A 547 7.38 -7.35 -14.58
C ALA A 547 7.53 -5.83 -14.66
N ARG A 548 8.34 -5.38 -15.64
CA ARG A 548 8.64 -3.96 -15.88
C ARG A 548 9.31 -3.80 -17.25
N ASN A 549 10.28 -4.54 -17.53
S SO4 B . -5.27 -6.02 12.93
O1 SO4 B . -6.03 -6.80 13.92
O2 SO4 B . -4.25 -6.87 12.33
O3 SO4 B . -6.17 -5.52 11.90
O4 SO4 B . -4.63 -4.88 13.61
S SO4 C . -3.04 15.60 4.00
O1 SO4 C . -4.38 15.90 4.55
O2 SO4 C . -2.00 16.06 4.94
O3 SO4 C . -2.94 14.20 3.87
O4 SO4 C . -2.87 16.24 2.71
S SO4 D . -9.67 -23.21 -5.26
O1 SO4 D . -10.52 -23.01 -4.06
O2 SO4 D . -8.75 -24.33 -5.02
O3 SO4 D . -10.50 -23.54 -6.41
O4 SO4 D . -8.90 -22.00 -5.53
S DMS E . -3.01 12.38 0.97
O DMS E . -1.43 11.67 0.42
C1 DMS E . -3.56 11.80 2.59
C2 DMS E . -4.37 11.43 0.23
C1 II6 F . -12.97 -22.07 1.46
C2 II6 F . -12.12 -22.45 3.79
C3 II6 F . -10.51 -21.94 1.94
C4 II6 F . -13.27 -21.94 2.95
C5 II6 F . -11.67 -21.36 1.14
C6 II6 F . -10.82 -21.76 3.41
C7 II6 F . -14.50 -22.76 3.26
C8 II6 F . -11.43 -21.17 -0.34
C9 II6 F . -9.67 -22.29 4.23
N10 II6 F . -10.91 -22.36 -1.00
O11 II6 F . -9.87 -21.97 5.59
S DMS G . -21.46 6.11 -8.03
O DMS G . -20.87 5.87 -9.69
C1 DMS G . -22.58 7.45 -8.40
C2 DMS G . -20.14 6.78 -7.03
#